data_5QIT
#
_entry.id   5QIT
#
_cell.length_a   47.289
_cell.length_b   58.436
_cell.length_c   49.713
_cell.angle_alpha   90.000
_cell.angle_beta   115.870
_cell.angle_gamma   90.000
#
_symmetry.space_group_name_H-M   'P 1 21 1'
#
loop_
_entity.id
_entity.type
_entity.pdbx_description
1 polymer 'Ubiquitin thioesterase OTUB2'
2 non-polymer N-[(E)-(3-methylphenyl)methylidene]acetamide
3 non-polymer 1,2-ETHANEDIOL
4 non-polymer DI(HYDROXYETHYL)ETHER
5 water water
#
_entity_poly.entity_id   1
_entity_poly.type   'polypeptide(L)'
_entity_poly.pdbx_seq_one_letter_code
;FNLISEKCDILSILRDHPENRIYRRKIEELSKRFTAIRKTKGDRNCFYRALGYSYLESLLGKSREIFKFKERVLQTPNDL
LAAGFEEHKFRNFFNAFYSVVELVEKDGSVSSLLKVFNDQSASDHIVQFLRLLTSAFIRNRADFFRHFIDEEMDIKDFCT
HEVEPMATECDHIQITALSQALSIALQVEYVDEMDTALNHHVFPEAATPSVYLLYKTSHYNILYA
;
_entity_poly.pdbx_strand_id   A
#
# COMPACT_ATOMS: atom_id res chain seq x y z
N PHE A 1 -8.40 -13.10 10.59
CA PHE A 1 -8.40 -12.24 9.39
C PHE A 1 -9.02 -10.85 9.70
N ASN A 2 -8.64 -10.27 10.86
CA ASN A 2 -9.18 -9.02 11.33
C ASN A 2 -8.46 -7.81 10.71
N LEU A 3 -7.28 -7.95 10.11
CA LEU A 3 -6.59 -6.81 9.44
C LEU A 3 -6.73 -6.87 7.91
N ILE A 4 -6.62 -8.07 7.30
CA ILE A 4 -6.80 -8.25 5.87
C ILE A 4 -7.65 -9.52 5.70
N SER A 5 -8.78 -9.41 5.00
CA SER A 5 -9.77 -10.48 4.85
C SER A 5 -9.35 -11.53 3.81
N GLU A 6 -10.08 -12.65 3.86
CA GLU A 6 -10.16 -13.62 2.76
C GLU A 6 -10.74 -12.95 1.50
N LYS A 7 -10.52 -13.56 0.34
CA LYS A 7 -11.03 -13.05 -0.92
C LYS A 7 -12.54 -13.27 -0.97
N CYS A 8 -13.29 -12.27 -1.44
CA CYS A 8 -14.73 -12.32 -1.66
CA CYS A 8 -14.69 -12.49 -1.73
C CYS A 8 -15.09 -11.87 -3.09
N ASP A 9 -16.28 -12.25 -3.56
CA ASP A 9 -16.81 -11.79 -4.84
C ASP A 9 -17.00 -10.27 -4.77
N ILE A 10 -16.67 -9.56 -5.86
CA ILE A 10 -16.81 -8.07 -5.91
C ILE A 10 -18.21 -7.63 -5.46
N LEU A 11 -19.25 -8.33 -5.89
CA LEU A 11 -20.66 -7.82 -5.61
C LEU A 11 -21.04 -7.97 -4.12
N SER A 12 -20.25 -8.72 -3.35
CA SER A 12 -20.48 -8.84 -1.88
C SER A 12 -20.43 -7.47 -1.16
N ILE A 13 -19.81 -6.47 -1.78
CA ILE A 13 -19.71 -5.19 -1.05
C ILE A 13 -20.97 -4.32 -1.30
N LEU A 14 -21.92 -4.76 -2.13
CA LEU A 14 -23.23 -4.04 -2.18
C LEU A 14 -23.87 -3.91 -0.79
N ARG A 15 -23.67 -4.92 0.08
CA ARG A 15 -24.31 -4.94 1.41
C ARG A 15 -23.77 -3.82 2.30
N ASP A 16 -22.64 -3.21 1.92
CA ASP A 16 -22.02 -2.13 2.73
C ASP A 16 -22.68 -0.79 2.41
N HIS A 17 -23.48 -0.73 1.33
CA HIS A 17 -24.15 0.50 0.85
C HIS A 17 -25.56 0.15 0.42
N PRO A 18 -26.39 -0.44 1.32
CA PRO A 18 -27.68 -0.92 0.88
C PRO A 18 -28.55 0.24 0.35
N GLU A 19 -29.35 -0.05 -0.69
CA GLU A 19 -30.34 0.90 -1.25
C GLU A 19 -29.68 2.25 -1.53
N ASN A 20 -28.44 2.20 -2.00
CA ASN A 20 -27.75 3.41 -2.42
C ASN A 20 -27.53 3.38 -3.94
N ARG A 21 -28.21 4.26 -4.70
CA ARG A 21 -28.27 4.15 -6.16
C ARG A 21 -26.89 4.31 -6.78
N ILE A 22 -26.16 5.34 -6.33
CA ILE A 22 -24.85 5.68 -6.97
C ILE A 22 -23.78 4.63 -6.63
N TYR A 23 -23.74 4.20 -5.37
CA TYR A 23 -22.77 3.20 -5.01
C TYR A 23 -23.10 1.87 -5.72
N ARG A 24 -24.41 1.51 -5.78
CA ARG A 24 -24.76 0.27 -6.48
C ARG A 24 -24.31 0.37 -7.97
N ARG A 25 -24.60 1.50 -8.63
CA ARG A 25 -24.19 1.70 -10.07
C ARG A 25 -22.67 1.50 -10.22
N LYS A 26 -21.86 2.14 -9.36
CA LYS A 26 -20.40 2.10 -9.52
C LYS A 26 -19.82 0.73 -9.17
N ILE A 27 -20.39 0.04 -8.16
CA ILE A 27 -19.93 -1.30 -7.80
C ILE A 27 -20.28 -2.31 -8.91
N GLU A 28 -21.48 -2.21 -9.51
CA GLU A 28 -21.84 -3.05 -10.66
C GLU A 28 -20.84 -2.86 -11.80
N GLU A 29 -20.47 -1.57 -12.06
CA GLU A 29 -19.55 -1.27 -13.14
C GLU A 29 -18.15 -1.87 -12.81
N LEU A 30 -17.73 -1.72 -11.56
CA LEU A 30 -16.43 -2.26 -11.13
C LEU A 30 -16.36 -3.79 -11.31
N SER A 31 -17.51 -4.46 -11.09
CA SER A 31 -17.60 -5.93 -11.15
C SER A 31 -17.40 -6.43 -12.59
N LYS A 32 -17.50 -5.55 -13.59
CA LYS A 32 -17.33 -5.90 -15.02
C LYS A 32 -15.84 -5.98 -15.36
N ARG A 33 -14.96 -5.40 -14.49
CA ARG A 33 -13.53 -5.25 -14.75
C ARG A 33 -12.68 -6.04 -13.73
N PHE A 34 -13.22 -6.35 -12.54
CA PHE A 34 -12.49 -7.01 -11.46
C PHE A 34 -13.35 -8.17 -10.93
N THR A 35 -12.72 -9.25 -10.49
CA THR A 35 -13.45 -10.48 -10.10
C THR A 35 -13.58 -10.65 -8.57
N ALA A 36 -12.65 -10.09 -7.79
CA ALA A 36 -12.61 -10.37 -6.35
C ALA A 36 -12.03 -9.17 -5.61
N ILE A 37 -12.27 -9.17 -4.27
CA ILE A 37 -11.82 -8.10 -3.39
C ILE A 37 -11.38 -8.70 -2.03
N ARG A 38 -10.41 -8.06 -1.39
CA ARG A 38 -10.11 -8.26 0.04
C ARG A 38 -10.32 -6.91 0.76
N LYS A 39 -10.98 -6.98 1.89
CA LYS A 39 -11.19 -5.84 2.79
C LYS A 39 -10.02 -5.73 3.78
N THR A 40 -9.71 -4.47 4.13
CA THR A 40 -8.69 -4.09 5.15
C THR A 40 -9.37 -3.34 6.33
N LYS A 41 -8.79 -3.46 7.52
CA LYS A 41 -9.27 -2.76 8.73
C LYS A 41 -9.00 -1.26 8.57
N GLY A 42 -10.04 -0.46 8.85
CA GLY A 42 -9.95 1.02 8.78
C GLY A 42 -9.38 1.65 10.05
N ASP A 43 -8.08 1.52 10.25
CA ASP A 43 -7.41 1.96 11.54
C ASP A 43 -6.44 3.14 11.30
N ARG A 44 -6.43 3.71 10.09
CA ARG A 44 -5.54 4.81 9.69
C ARG A 44 -4.25 4.33 9.05
N ASN A 45 -4.04 3.00 9.03
CA ASN A 45 -2.84 2.36 8.44
C ASN A 45 -3.15 1.59 7.14
N CYS A 46 -4.39 1.64 6.64
CA CYS A 46 -4.84 0.73 5.63
C CYS A 46 -4.16 0.91 4.27
N PHE A 47 -3.69 2.08 3.90
CA PHE A 47 -2.94 2.19 2.62
C PHE A 47 -1.66 1.37 2.68
N TYR A 48 -0.84 1.59 3.73
CA TYR A 48 0.46 0.89 3.84
C TYR A 48 0.25 -0.63 3.93
N ARG A 49 -0.72 -1.01 4.75
CA ARG A 49 -0.97 -2.44 4.99
C ARG A 49 -1.47 -3.14 3.70
N ALA A 50 -2.40 -2.50 2.97
CA ALA A 50 -2.91 -3.02 1.67
C ALA A 50 -1.82 -3.09 0.59
N LEU A 51 -1.02 -2.03 0.45
CA LEU A 51 0.00 -2.01 -0.61
C LEU A 51 1.07 -3.07 -0.29
N GLY A 52 1.54 -3.13 0.98
CA GLY A 52 2.55 -4.14 1.34
C GLY A 52 2.07 -5.56 1.08
N TYR A 53 0.86 -5.87 1.55
CA TYR A 53 0.35 -7.24 1.31
C TYR A 53 0.20 -7.53 -0.20
N SER A 54 -0.49 -6.65 -0.94
CA SER A 54 -0.84 -6.94 -2.33
CA SER A 54 -0.85 -6.99 -2.33
C SER A 54 0.41 -7.05 -3.20
N TYR A 55 1.37 -6.15 -2.98
CA TYR A 55 2.62 -6.24 -3.78
C TYR A 55 3.41 -7.54 -3.49
N LEU A 56 3.61 -7.88 -2.20
CA LEU A 56 4.34 -9.13 -1.87
C LEU A 56 3.56 -10.37 -2.37
N GLU A 57 2.23 -10.34 -2.32
CA GLU A 57 1.39 -11.47 -2.87
C GLU A 57 1.64 -11.61 -4.39
N SER A 58 1.84 -10.48 -5.08
CA SER A 58 2.05 -10.52 -6.56
C SER A 58 3.43 -11.09 -6.91
N LEU A 59 4.35 -11.17 -5.95
CA LEU A 59 5.71 -11.71 -6.21
C LEU A 59 5.73 -13.24 -6.11
N LEU A 60 4.74 -13.84 -5.45
CA LEU A 60 4.84 -15.28 -5.07
C LEU A 60 5.15 -16.12 -6.31
N GLY A 61 6.17 -16.99 -6.19
CA GLY A 61 6.54 -17.94 -7.30
C GLY A 61 7.41 -17.35 -8.40
N LYS A 62 7.73 -16.04 -8.36
CA LYS A 62 8.44 -15.32 -9.45
C LYS A 62 9.90 -15.11 -9.04
N SER A 63 10.77 -16.06 -9.42
CA SER A 63 12.10 -16.08 -8.85
C SER A 63 12.96 -14.88 -9.26
N ARG A 64 12.85 -14.40 -10.50
CA ARG A 64 13.69 -13.18 -10.91
C ARG A 64 13.20 -11.93 -10.19
N GLU A 65 11.89 -11.77 -10.13
CA GLU A 65 11.30 -10.58 -9.50
C GLU A 65 11.61 -10.54 -8.01
N ILE A 66 11.56 -11.68 -7.31
CA ILE A 66 11.95 -11.78 -5.91
C ILE A 66 13.42 -11.38 -5.73
N PHE A 67 14.33 -11.92 -6.56
CA PHE A 67 15.78 -11.62 -6.43
C PHE A 67 15.97 -10.10 -6.55
N LYS A 68 15.36 -9.48 -7.57
CA LYS A 68 15.52 -7.98 -7.80
C LYS A 68 14.92 -7.20 -6.62
N PHE A 69 13.77 -7.64 -6.09
CA PHE A 69 13.13 -6.86 -5.00
C PHE A 69 14.00 -6.95 -3.73
N LYS A 70 14.49 -8.17 -3.40
CA LYS A 70 15.40 -8.35 -2.24
C LYS A 70 16.63 -7.44 -2.36
N GLU A 71 17.23 -7.37 -3.55
CA GLU A 71 18.43 -6.51 -3.79
C GLU A 71 18.07 -5.04 -3.42
N ARG A 72 16.90 -4.56 -3.84
CA ARG A 72 16.48 -3.16 -3.51
C ARG A 72 16.25 -2.99 -2.00
N VAL A 73 15.56 -3.97 -1.38
CA VAL A 73 15.26 -3.86 0.05
C VAL A 73 16.58 -3.82 0.86
N LEU A 74 17.57 -4.63 0.47
CA LEU A 74 18.88 -4.63 1.18
C LEU A 74 19.53 -3.22 1.15
N GLN A 75 19.21 -2.38 0.17
CA GLN A 75 19.81 -1.01 0.11
C GLN A 75 19.02 0.04 0.92
N THR A 76 17.79 -0.24 1.36
CA THR A 76 16.90 0.75 2.01
C THR A 76 17.48 1.30 3.33
N PRO A 77 18.29 0.56 4.12
CA PRO A 77 18.92 1.18 5.30
C PRO A 77 19.74 2.43 4.93
N ASN A 78 20.32 2.46 3.70
CA ASN A 78 21.12 3.61 3.24
C ASN A 78 20.21 4.83 2.99
N ASP A 79 18.99 4.61 2.44
CA ASP A 79 18.01 5.71 2.27
C ASP A 79 17.67 6.30 3.66
N LEU A 80 17.37 5.41 4.63
CA LEU A 80 16.99 5.85 6.02
C LEU A 80 18.14 6.65 6.69
N LEU A 81 19.38 6.16 6.59
CA LEU A 81 20.53 6.87 7.18
C LEU A 81 20.76 8.23 6.49
N ALA A 82 20.65 8.31 5.15
CA ALA A 82 20.87 9.56 4.41
C ALA A 82 19.85 10.64 4.85
N ALA A 83 18.66 10.23 5.34
CA ALA A 83 17.54 11.15 5.71
C ALA A 83 17.62 11.50 7.20
N GLY A 84 18.59 10.92 7.92
CA GLY A 84 18.81 11.26 9.36
C GLY A 84 18.27 10.27 10.38
N PHE A 85 17.65 9.17 9.92
CA PHE A 85 17.22 8.10 10.84
C PHE A 85 18.46 7.33 11.35
N GLU A 86 18.36 6.87 12.60
CA GLU A 86 19.47 6.17 13.23
C GLU A 86 19.22 4.65 13.17
N GLU A 87 20.28 3.90 12.89
CA GLU A 87 20.18 2.43 12.70
C GLU A 87 19.56 1.75 13.92
N HIS A 88 20.00 2.08 15.12
CA HIS A 88 19.48 1.41 16.29
C HIS A 88 17.98 1.67 16.47
N LYS A 89 17.45 2.76 15.92
CA LYS A 89 16.00 3.05 16.01
C LYS A 89 15.18 2.45 14.85
N PHE A 90 15.78 2.14 13.68
CA PHE A 90 14.97 1.51 12.58
C PHE A 90 15.17 -0.01 12.49
N ARG A 91 16.19 -0.53 13.17
CA ARG A 91 16.64 -1.95 13.09
C ARG A 91 15.44 -2.90 13.18
N ASN A 92 14.60 -2.76 14.21
CA ASN A 92 13.55 -3.76 14.46
C ASN A 92 12.50 -3.76 13.32
N PHE A 93 12.26 -2.61 12.69
CA PHE A 93 11.28 -2.43 11.63
C PHE A 93 11.85 -2.95 10.29
N PHE A 94 13.11 -2.57 9.97
CA PHE A 94 13.81 -3.15 8.80
C PHE A 94 13.84 -4.69 8.89
N ASN A 95 14.18 -5.24 10.05
CA ASN A 95 14.36 -6.70 10.16
C ASN A 95 12.99 -7.40 9.94
N ALA A 96 11.90 -6.78 10.39
CA ALA A 96 10.55 -7.35 10.19
C ALA A 96 10.18 -7.38 8.70
N PHE A 97 10.50 -6.34 7.95
CA PHE A 97 10.20 -6.27 6.51
C PHE A 97 11.07 -7.27 5.75
N TYR A 98 12.39 -7.32 6.07
CA TYR A 98 13.26 -8.24 5.36
C TYR A 98 12.77 -9.69 5.61
N SER A 99 12.32 -10.00 6.84
CA SER A 99 11.79 -11.32 7.20
C SER A 99 10.61 -11.72 6.31
N VAL A 100 9.66 -10.81 6.07
CA VAL A 100 8.47 -11.18 5.30
C VAL A 100 8.84 -11.36 3.80
N VAL A 101 9.83 -10.61 3.29
CA VAL A 101 10.33 -10.84 1.96
C VAL A 101 10.98 -12.22 1.86
N GLU A 102 11.77 -12.62 2.85
CA GLU A 102 12.34 -14.02 2.83
C GLU A 102 11.20 -15.08 2.90
N LEU A 103 10.12 -14.80 3.63
CA LEU A 103 8.95 -15.74 3.65
C LEU A 103 8.35 -15.93 2.24
N VAL A 104 8.24 -14.84 1.49
CA VAL A 104 7.73 -14.88 0.12
C VAL A 104 8.61 -15.82 -0.72
N GLU A 105 9.92 -15.70 -0.55
CA GLU A 105 10.92 -16.53 -1.23
C GLU A 105 10.85 -18.00 -0.77
N LYS A 106 10.93 -18.26 0.54
CA LYS A 106 11.18 -19.59 1.10
C LYS A 106 9.88 -20.41 1.19
N ASP A 107 8.80 -19.84 1.69
CA ASP A 107 7.55 -20.49 1.92
C ASP A 107 6.71 -20.44 0.63
N GLY A 108 6.48 -19.21 0.12
CA GLY A 108 5.80 -19.04 -1.19
C GLY A 108 4.28 -19.27 -1.19
N SER A 109 3.62 -19.30 -0.03
CA SER A 109 2.16 -19.57 0.00
C SER A 109 1.41 -18.27 0.34
N VAL A 110 0.23 -18.11 -0.22
CA VAL A 110 -0.70 -17.04 0.18
C VAL A 110 -1.04 -17.18 1.69
N SER A 111 -1.29 -18.41 2.14
CA SER A 111 -1.78 -18.62 3.51
CA SER A 111 -1.76 -18.69 3.52
C SER A 111 -0.75 -18.10 4.54
N SER A 112 0.53 -18.40 4.32
CA SER A 112 1.57 -17.94 5.26
CA SER A 112 1.61 -17.94 5.22
C SER A 112 1.75 -16.41 5.22
N LEU A 113 1.66 -15.80 4.05
CA LEU A 113 1.80 -14.31 3.92
C LEU A 113 0.63 -13.63 4.63
N LEU A 114 -0.59 -14.15 4.40
CA LEU A 114 -1.81 -13.57 5.03
C LEU A 114 -1.75 -13.70 6.55
N LYS A 115 -1.19 -14.78 7.08
CA LYS A 115 -1.03 -14.93 8.55
C LYS A 115 -0.10 -13.84 9.12
N VAL A 116 1.03 -13.56 8.46
CA VAL A 116 1.96 -12.49 8.97
C VAL A 116 1.20 -11.14 8.95
N PHE A 117 0.48 -10.81 7.84
CA PHE A 117 -0.20 -9.52 7.77
C PHE A 117 -1.42 -9.40 8.68
N ASN A 118 -1.94 -10.54 9.20
CA ASN A 118 -2.99 -10.55 10.25
C ASN A 118 -2.44 -10.71 11.69
N ASP A 119 -1.13 -10.86 11.85
CA ASP A 119 -0.44 -10.88 13.19
C ASP A 119 -0.22 -9.39 13.57
N GLN A 120 -0.88 -8.92 14.60
CA GLN A 120 -0.90 -7.46 14.90
C GLN A 120 0.54 -6.96 15.02
N SER A 121 1.39 -7.73 15.71
CA SER A 121 2.80 -7.34 15.97
C SER A 121 3.60 -7.27 14.66
N ALA A 122 3.64 -8.38 13.92
CA ALA A 122 4.47 -8.38 12.68
C ALA A 122 3.95 -7.32 11.71
N SER A 123 2.63 -7.28 11.59
CA SER A 123 1.96 -6.47 10.55
C SER A 123 2.23 -4.97 10.87
N ASP A 124 2.12 -4.60 12.14
CA ASP A 124 2.39 -3.18 12.53
C ASP A 124 3.88 -2.83 12.42
N HIS A 125 4.79 -3.77 12.64
CA HIS A 125 6.24 -3.54 12.43
C HIS A 125 6.48 -3.25 10.93
N ILE A 126 5.83 -4.04 10.03
CA ILE A 126 5.93 -3.84 8.59
C ILE A 126 5.39 -2.45 8.20
N VAL A 127 4.21 -2.09 8.70
CA VAL A 127 3.64 -0.76 8.38
C VAL A 127 4.60 0.34 8.84
N GLN A 128 5.14 0.25 10.06
CA GLN A 128 6.02 1.31 10.57
C GLN A 128 7.27 1.43 9.68
N PHE A 129 7.81 0.28 9.23
CA PHE A 129 8.98 0.32 8.27
C PHE A 129 8.59 1.11 7.02
N LEU A 130 7.43 0.78 6.42
CA LEU A 130 7.03 1.39 5.17
C LEU A 130 6.83 2.91 5.39
N ARG A 131 6.30 3.32 6.56
CA ARG A 131 6.14 4.78 6.85
C ARG A 131 7.51 5.46 6.98
N LEU A 132 8.47 4.83 7.66
CA LEU A 132 9.85 5.43 7.73
C LEU A 132 10.51 5.55 6.36
N LEU A 133 10.31 4.55 5.49
CA LEU A 133 10.93 4.59 4.14
C LEU A 133 10.28 5.68 3.28
N THR A 134 8.96 5.83 3.37
CA THR A 134 8.21 6.91 2.70
C THR A 134 8.77 8.28 3.13
N SER A 135 8.91 8.49 4.44
CA SER A 135 9.44 9.74 4.98
C SER A 135 10.86 9.97 4.45
N ALA A 136 11.73 8.96 4.54
CA ALA A 136 13.10 9.12 4.03
C ALA A 136 13.13 9.52 2.55
N PHE A 137 12.33 8.86 1.71
CA PHE A 137 12.34 9.10 0.29
C PHE A 137 11.92 10.55 -0.03
N ILE A 138 10.90 11.08 0.68
CA ILE A 138 10.45 12.47 0.51
C ILE A 138 11.57 13.42 0.99
N ARG A 139 12.11 13.17 2.17
CA ARG A 139 13.14 14.08 2.76
C ARG A 139 14.33 14.20 1.83
N ASN A 140 14.80 13.09 1.27
CA ASN A 140 16.00 13.04 0.47
C ASN A 140 15.78 13.67 -0.92
N ARG A 141 14.51 13.91 -1.27
CA ARG A 141 14.09 14.47 -2.55
C ARG A 141 13.13 15.68 -2.33
N ALA A 142 13.48 16.50 -1.34
CA ALA A 142 12.59 17.62 -0.95
C ALA A 142 12.37 18.58 -2.14
N ASP A 143 13.41 18.86 -2.94
CA ASP A 143 13.27 19.86 -4.05
C ASP A 143 12.29 19.33 -5.10
N PHE A 144 12.32 18.00 -5.34
CA PHE A 144 11.37 17.29 -6.30
C PHE A 144 9.92 17.45 -5.87
N PHE A 145 9.66 17.17 -4.58
CA PHE A 145 8.32 17.19 -4.05
C PHE A 145 7.84 18.67 -4.02
N ARG A 146 8.72 19.64 -3.69
CA ARG A 146 8.31 21.10 -3.76
C ARG A 146 8.04 21.55 -5.23
N HIS A 147 8.82 21.08 -6.21
CA HIS A 147 8.76 21.54 -7.60
C HIS A 147 7.48 21.00 -8.22
N PHE A 148 7.21 19.71 -7.99
CA PHE A 148 6.13 19.02 -8.71
C PHE A 148 4.83 18.94 -7.90
N ILE A 149 4.86 18.99 -6.55
CA ILE A 149 3.61 18.83 -5.72
C ILE A 149 3.14 20.20 -5.19
N ASP A 150 4.02 20.94 -4.52
CA ASP A 150 3.55 22.16 -3.82
C ASP A 150 4.75 23.00 -3.35
N GLU A 151 4.98 24.12 -4.05
CA GLU A 151 6.16 24.96 -3.80
C GLU A 151 6.13 25.51 -2.37
N GLU A 152 4.93 25.60 -1.76
CA GLU A 152 4.71 26.35 -0.47
C GLU A 152 4.83 25.43 0.75
N MET A 153 4.87 24.09 0.55
CA MET A 153 4.71 23.14 1.67
C MET A 153 6.03 23.06 2.48
N ASP A 154 5.90 22.80 3.80
CA ASP A 154 7.02 22.54 4.71
C ASP A 154 7.33 21.03 4.81
N ILE A 155 8.37 20.57 4.11
CA ILE A 155 8.58 19.12 3.87
C ILE A 155 8.89 18.39 5.18
N LYS A 156 9.75 18.97 6.05
CA LYS A 156 10.18 18.27 7.29
C LYS A 156 9.00 18.14 8.25
N ASP A 157 8.23 19.22 8.41
CA ASP A 157 7.03 19.23 9.27
C ASP A 157 5.98 18.22 8.73
N PHE A 158 5.76 18.19 7.42
CA PHE A 158 4.81 17.24 6.82
C PHE A 158 5.22 15.79 7.10
N CYS A 159 6.48 15.43 6.94
CA CYS A 159 6.91 14.06 7.19
C CYS A 159 6.74 13.68 8.68
N THR A 160 7.12 14.61 9.58
CA THR A 160 7.01 14.45 11.05
C THR A 160 5.58 14.17 11.48
N HIS A 161 4.63 14.88 10.86
CA HIS A 161 3.25 14.86 11.36
C HIS A 161 2.32 13.90 10.60
N GLU A 162 2.54 13.73 9.28
CA GLU A 162 1.59 13.12 8.39
C GLU A 162 2.14 11.86 7.71
N VAL A 163 3.37 11.44 7.99
CA VAL A 163 3.96 10.23 7.34
C VAL A 163 4.44 9.24 8.41
N GLU A 164 5.32 9.67 9.32
CA GLU A 164 5.99 8.82 10.29
C GLU A 164 4.98 8.21 11.29
N PRO A 165 4.07 8.99 11.92
CA PRO A 165 3.26 8.44 13.01
C PRO A 165 2.31 7.34 12.50
N MET A 166 2.17 6.29 13.29
CA MET A 166 1.10 5.31 13.00
C MET A 166 -0.26 6.01 13.01
N ALA A 167 -1.19 5.46 12.19
CA ALA A 167 -2.59 5.89 12.05
C ALA A 167 -2.77 7.21 11.28
N THR A 168 -1.71 7.78 10.69
CA THR A 168 -1.91 9.00 9.88
C THR A 168 -2.30 8.63 8.44
N GLU A 169 -3.34 9.31 7.96
CA GLU A 169 -3.92 9.08 6.62
C GLU A 169 -2.99 9.66 5.52
N CYS A 170 -3.12 9.06 4.33
N CYS A 170 -3.10 9.12 4.32
CA CYS A 170 -2.30 9.37 3.16
CA CYS A 170 -2.17 9.50 3.26
C CYS A 170 -3.00 10.36 2.23
C CYS A 170 -2.91 10.13 2.08
N ASP A 171 -2.21 11.03 1.40
CA ASP A 171 -2.68 11.74 0.21
C ASP A 171 -1.84 11.29 -0.98
N HIS A 172 -1.99 11.95 -2.13
CA HIS A 172 -1.17 11.62 -3.32
C HIS A 172 0.34 11.61 -3.04
N ILE A 173 0.87 12.53 -2.22
CA ILE A 173 2.32 12.57 -2.03
C ILE A 173 2.84 11.24 -1.41
N GLN A 174 2.18 10.66 -0.37
CA GLN A 174 2.70 9.46 0.24
C GLN A 174 2.59 8.30 -0.75
N ILE A 175 1.49 8.25 -1.52
CA ILE A 175 1.32 7.17 -2.50
C ILE A 175 2.41 7.22 -3.58
N THR A 176 2.65 8.43 -4.16
CA THR A 176 3.72 8.58 -5.17
C THR A 176 5.10 8.20 -4.59
N ALA A 177 5.39 8.65 -3.37
CA ALA A 177 6.72 8.42 -2.77
C ALA A 177 6.99 6.94 -2.46
N LEU A 178 6.01 6.23 -1.86
CA LEU A 178 6.29 4.79 -1.56
C LEU A 178 6.36 3.96 -2.87
N SER A 179 5.49 4.26 -3.84
CA SER A 179 5.57 3.66 -5.20
C SER A 179 7.02 3.78 -5.78
N GLN A 180 7.53 5.03 -5.76
CA GLN A 180 8.87 5.30 -6.29
C GLN A 180 9.96 4.63 -5.42
N ALA A 181 9.79 4.64 -4.07
CA ALA A 181 10.82 4.10 -3.15
C ALA A 181 11.04 2.59 -3.34
N LEU A 182 9.98 1.88 -3.75
CA LEU A 182 10.07 0.42 -3.87
C LEU A 182 9.87 -0.06 -5.33
N SER A 183 9.76 0.87 -6.32
CA SER A 183 9.49 0.60 -7.74
C SER A 183 8.24 -0.28 -7.92
N ILE A 184 7.17 0.05 -7.19
CA ILE A 184 5.86 -0.63 -7.28
C ILE A 184 4.94 0.20 -8.18
N ALA A 185 4.40 -0.38 -9.27
CA ALA A 185 3.39 0.27 -10.09
C ALA A 185 1.99 -0.10 -9.57
N LEU A 186 1.19 0.91 -9.25
CA LEU A 186 -0.14 0.61 -8.69
C LEU A 186 -1.20 1.50 -9.35
N GLN A 187 -2.40 0.92 -9.40
CA GLN A 187 -3.58 1.63 -9.90
C GLN A 187 -4.59 1.74 -8.77
N VAL A 188 -5.09 2.94 -8.51
CA VAL A 188 -6.18 3.21 -7.54
C VAL A 188 -7.48 3.58 -8.28
N GLU A 189 -8.52 2.76 -8.03
CA GLU A 189 -9.90 3.02 -8.48
C GLU A 189 -10.63 3.82 -7.44
N TYR A 190 -11.37 4.85 -7.87
CA TYR A 190 -12.10 5.77 -6.93
C TYR A 190 -13.62 5.58 -7.03
N VAL A 191 -14.28 5.29 -5.88
CA VAL A 191 -15.74 5.11 -5.79
C VAL A 191 -16.26 6.05 -4.69
N ASP A 192 -16.89 7.16 -5.13
CA ASP A 192 -17.49 8.12 -4.19
C ASP A 192 -18.98 8.20 -4.53
N GLU A 193 -19.72 9.01 -3.75
CA GLU A 193 -21.19 9.09 -3.91
C GLU A 193 -21.60 10.30 -4.77
N MET A 194 -20.73 10.78 -5.66
CA MET A 194 -21.12 11.77 -6.63
C MET A 194 -21.54 11.10 -7.95
N ASP A 195 -22.42 11.77 -8.73
CA ASP A 195 -23.05 11.18 -9.94
C ASP A 195 -22.10 11.42 -11.12
N THR A 196 -20.95 10.74 -11.05
CA THR A 196 -19.75 10.97 -11.88
C THR A 196 -19.25 9.62 -12.42
N ALA A 197 -18.28 9.63 -13.33
CA ALA A 197 -17.71 8.39 -13.84
C ALA A 197 -16.88 7.67 -12.78
N LEU A 198 -16.99 6.35 -12.72
CA LEU A 198 -15.96 5.49 -12.09
C LEU A 198 -14.65 5.75 -12.81
N ASN A 199 -13.59 6.06 -12.07
CA ASN A 199 -12.33 6.51 -12.67
C ASN A 199 -11.12 6.00 -11.87
N HIS A 200 -9.90 6.11 -12.43
CA HIS A 200 -8.71 5.60 -11.73
C HIS A 200 -7.47 6.45 -12.05
N HIS A 201 -6.44 6.30 -11.21
CA HIS A 201 -5.10 6.95 -11.42
C HIS A 201 -4.02 5.87 -11.30
N VAL A 202 -2.97 5.98 -12.10
CA VAL A 202 -1.83 5.05 -12.09
C VAL A 202 -0.59 5.79 -11.55
N PHE A 203 0.14 5.13 -10.66
CA PHE A 203 1.36 5.58 -10.03
C PHE A 203 2.51 4.64 -10.36
N PRO A 204 3.51 5.02 -11.17
CA PRO A 204 3.65 6.25 -11.96
C PRO A 204 2.73 6.26 -13.20
N GLU A 205 2.52 7.46 -13.78
CA GLU A 205 1.53 7.68 -14.87
C GLU A 205 1.76 6.69 -16.02
N ALA A 206 3.04 6.40 -16.30
CA ALA A 206 3.44 5.46 -17.38
C ALA A 206 2.66 4.12 -17.37
N ALA A 207 2.59 3.51 -16.19
CA ALA A 207 3.01 2.11 -15.94
C ALA A 207 1.93 1.05 -16.17
N THR A 208 2.39 -0.20 -16.32
CA THR A 208 1.55 -1.40 -16.22
C THR A 208 1.48 -1.83 -14.74
N PRO A 209 0.31 -1.77 -14.06
CA PRO A 209 0.27 -2.05 -12.63
C PRO A 209 0.49 -3.51 -12.21
N SER A 210 1.08 -3.67 -11.02
CA SER A 210 1.22 -4.92 -10.29
CA SER A 210 1.15 -4.96 -10.36
C SER A 210 0.06 -5.07 -9.31
N VAL A 211 -0.43 -3.94 -8.79
CA VAL A 211 -1.38 -3.85 -7.66
C VAL A 211 -2.53 -2.97 -8.09
N TYR A 212 -3.76 -3.39 -7.74
CA TYR A 212 -4.97 -2.59 -7.89
C TYR A 212 -5.60 -2.38 -6.50
N LEU A 213 -5.94 -1.13 -6.16
CA LEU A 213 -6.63 -0.80 -4.90
C LEU A 213 -7.92 -0.06 -5.20
N LEU A 214 -8.94 -0.27 -4.34
CA LEU A 214 -10.20 0.48 -4.36
C LEU A 214 -10.22 1.48 -3.19
N TYR A 215 -10.34 2.77 -3.50
CA TYR A 215 -10.50 3.84 -2.52
C TYR A 215 -11.98 4.24 -2.40
N LYS A 216 -12.59 3.92 -1.24
CA LYS A 216 -14.04 4.10 -1.00
C LYS A 216 -14.22 4.32 0.51
N THR A 217 -15.07 5.28 0.88
CA THR A 217 -15.31 5.67 2.29
C THR A 217 -13.98 5.68 3.05
N SER A 218 -12.97 6.36 2.48
CA SER A 218 -11.60 6.71 3.06
C SER A 218 -10.74 5.47 3.38
N HIS A 219 -11.13 4.36 2.78
CA HIS A 219 -10.58 3.11 2.99
CA HIS A 219 -10.52 3.05 3.01
C HIS A 219 -9.95 2.61 1.68
N TYR A 220 -8.79 1.92 1.74
CA TYR A 220 -8.11 1.19 0.61
C TYR A 220 -8.33 -0.34 0.76
N ASN A 221 -9.11 -0.91 -0.15
CA ASN A 221 -9.34 -2.39 -0.26
C ASN A 221 -8.53 -2.88 -1.49
N ILE A 222 -8.24 -4.19 -1.56
CA ILE A 222 -7.42 -4.80 -2.58
C ILE A 222 -8.28 -5.44 -3.66
N LEU A 223 -8.02 -5.09 -4.94
CA LEU A 223 -8.81 -5.64 -6.08
C LEU A 223 -7.98 -6.66 -6.85
N TYR A 224 -8.69 -7.62 -7.50
CA TYR A 224 -8.10 -8.65 -8.38
C TYR A 224 -8.73 -8.56 -9.75
N ALA A 225 -7.86 -8.42 -10.77
CA ALA A 225 -8.27 -8.21 -12.18
C ALA A 225 -8.95 -9.47 -12.67
#